data_6DMH
#
_entry.id   6DMH
#
_cell.length_a   59.185
_cell.length_b   61.955
_cell.length_c   79.127
_cell.angle_alpha   90.000
_cell.angle_beta   90.000
_cell.angle_gamma   90.000
#
_symmetry.space_group_name_H-M   'P 21 21 21'
#
loop_
_entity.id
_entity.type
_entity.pdbx_description
1 polymer Beta-lactamase
2 non-polymer 1,2-ETHANEDIOL
3 non-polymer '(4R,5S)-3-{[(3S,5S)-5-(dimethylcarbamoyl)pyrrolidin-3-yl]sulfanyl}-5-[(2S,3R)-3-hydroxy-1-oxobutan-2-yl]-4-methyl-4,5-d ihydro-1H-pyrrole-2-carboxylic acid'
4 water water
#
_entity_poly.entity_id   1
_entity_poly.type   'polypeptide(L)'
_entity_poly.pdbx_seq_one_letter_code
;ASQPPQVTVDKLKRLENDFGGRIGVYAIDTGSNKTFGYRANERFPLCSSFKGFLAAAVLSKSQQQEGLLNQRIRYDN
(HAR)VMEPHSPVTEKQITTGMTVAELSAATLQYSDNGAANLLLEKLIGGPEGMTSFMRSIGDNVFRLDRWALELNSAIP
GDDRDTSTPKAVAESMQKLAFGNVLGLTERHQLMDWFKGNTTGGARIRASVPANWVVGDKTGTCGVYGTANDYAVIWPVA
HAPIVLAVYTSKPDRNSKHSDAVIADASRIVLESFNI
;
_entity_poly.pdbx_strand_id   A
#
loop_
_chem_comp.id
_chem_comp.type
_chem_comp.name
_chem_comp.formula
EDO non-polymer 1,2-ETHANEDIOL 'C2 H6 O2'
MER non-polymer '(4R,5S)-3-{[(3S,5S)-5-(dimethylcarbamoyl)pyrrolidin-3-yl]sulfanyl}-5-[(2S,3R)-3-hydroxy-1-oxobutan-2-yl]-4-methyl-4,5-d ihydro-1H-pyrrole-2-carboxylic acid' 'C17 H27 N3 O5 S'
#
# COMPACT_ATOMS: atom_id res chain seq x y z
N ALA A 1 13.56 -6.56 24.89
CA ALA A 1 14.03 -5.18 24.93
C ALA A 1 13.02 -4.25 24.27
N SER A 2 11.93 -4.79 23.75
CA SER A 2 10.91 -3.95 23.13
C SER A 2 9.98 -3.36 24.17
N GLN A 3 9.29 -2.30 23.77
CA GLN A 3 8.42 -1.56 24.67
C GLN A 3 7.14 -2.37 24.94
N PRO A 4 6.58 -2.30 26.15
CA PRO A 4 5.34 -3.03 26.42
C PRO A 4 4.25 -2.62 25.43
N PRO A 5 3.49 -3.57 24.89
CA PRO A 5 2.43 -3.19 23.94
C PRO A 5 1.46 -2.14 24.47
N GLN A 6 1.12 -2.17 25.76
CA GLN A 6 0.17 -1.20 26.25
C GLN A 6 0.75 0.21 26.23
N VAL A 7 2.08 0.38 26.37
CA VAL A 7 2.66 1.71 26.23
C VAL A 7 2.39 2.25 24.84
N THR A 8 2.62 1.40 23.83
CA THR A 8 2.44 1.81 22.44
C THR A 8 0.97 2.13 22.17
N VAL A 9 0.06 1.28 22.67
CA VAL A 9 -1.37 1.55 22.56
C VAL A 9 -1.73 2.88 23.19
N ASP A 10 -1.22 3.13 24.41
CA ASP A 10 -1.52 4.37 25.11
C ASP A 10 -1.08 5.59 24.28
N LYS A 11 0.09 5.51 23.66
CA LYS A 11 0.57 6.61 22.82
CA LYS A 11 0.56 6.62 22.82
C LYS A 11 -0.31 6.78 21.59
N LEU A 12 -0.72 5.68 20.96
CA LEU A 12 -1.56 5.79 19.77
C LEU A 12 -2.93 6.34 20.10
N LYS A 13 -3.48 5.98 21.27
CA LYS A 13 -4.77 6.51 21.66
CA LYS A 13 -4.77 6.51 21.65
C LYS A 13 -4.72 8.01 21.87
N ARG A 14 -3.63 8.51 22.47
CA ARG A 14 -3.49 9.96 22.62
C ARG A 14 -3.38 10.63 21.26
N LEU A 15 -2.65 10.03 20.34
CA LEU A 15 -2.53 10.59 19.00
C LEU A 15 -3.88 10.60 18.28
N GLU A 16 -4.66 9.53 18.42
CA GLU A 16 -6.01 9.48 17.88
C GLU A 16 -6.87 10.61 18.39
N ASN A 17 -6.78 10.90 19.69
N ASN A 17 -6.82 10.85 19.70
CA ASN A 17 -7.59 11.94 20.30
CA ASN A 17 -7.60 11.93 20.27
C ASN A 17 -7.20 13.30 19.75
C ASN A 17 -7.22 13.26 19.62
N ASP A 18 -5.92 13.53 19.51
CA ASP A 18 -5.49 14.79 18.92
CA ASP A 18 -5.44 14.78 18.89
C ASP A 18 -5.92 14.89 17.46
N PHE A 19 -5.86 13.78 16.72
CA PHE A 19 -6.21 13.71 15.31
C PHE A 19 -7.71 13.94 15.09
N GLY A 20 -8.55 13.44 15.99
CA GLY A 20 -9.98 13.44 15.79
C GLY A 20 -10.47 12.36 14.85
N GLY A 21 -9.79 11.23 14.82
CA GLY A 21 -10.18 10.13 13.95
C GLY A 21 -9.68 8.83 14.49
N ARG A 22 -9.63 7.86 13.59
CA ARG A 22 -9.24 6.49 13.86
CA ARG A 22 -9.22 6.48 13.87
C ARG A 22 -7.90 6.21 13.18
N ILE A 23 -7.01 5.53 13.91
CA ILE A 23 -5.70 5.11 13.41
C ILE A 23 -5.59 3.61 13.63
N GLY A 24 -5.33 2.88 12.54
CA GLY A 24 -5.09 1.45 12.60
C GLY A 24 -3.70 1.12 12.09
N VAL A 25 -2.98 0.26 12.82
CA VAL A 25 -1.61 -0.08 12.46
C VAL A 25 -1.36 -1.56 12.67
N TYR A 26 -0.42 -2.09 11.88
CA TYR A 26 0.17 -3.40 12.16
C TYR A 26 1.61 -3.38 11.65
N ALA A 27 2.50 -3.92 12.46
CA ALA A 27 3.93 -3.99 12.13
C ALA A 27 4.46 -5.38 12.43
N ILE A 28 5.38 -5.82 11.58
CA ILE A 28 6.01 -7.14 11.66
C ILE A 28 7.52 -6.95 11.58
N ASP A 29 8.24 -7.42 12.61
CA ASP A 29 9.70 -7.54 12.54
CA ASP A 29 9.69 -7.53 12.52
C ASP A 29 10.00 -8.87 11.85
N THR A 30 10.50 -8.81 10.62
CA THR A 30 10.66 -10.06 9.84
C THR A 30 11.79 -10.94 10.33
N GLY A 31 12.65 -10.44 11.21
CA GLY A 31 13.73 -11.23 11.78
C GLY A 31 13.32 -11.94 13.05
N SER A 32 12.59 -11.30 13.94
CA SER A 32 12.20 -11.91 15.21
C SER A 32 10.78 -12.43 15.16
N ASN A 33 10.02 -12.02 14.15
CA ASN A 33 8.62 -12.31 14.04
C ASN A 33 7.76 -11.63 15.10
N LYS A 34 8.33 -10.74 15.94
CA LYS A 34 7.50 -9.94 16.84
C LYS A 34 6.58 -9.04 16.01
N THR A 35 5.37 -8.83 16.51
CA THR A 35 4.38 -8.01 15.82
C THR A 35 3.74 -7.05 16.81
N PHE A 36 3.13 -6.00 16.27
CA PHE A 36 2.36 -5.04 17.05
C PHE A 36 1.17 -4.59 16.21
N GLY A 37 -0.01 -4.54 16.82
CA GLY A 37 -1.19 -3.98 16.18
C GLY A 37 -2.00 -3.11 17.12
N TYR A 38 -2.72 -2.17 16.52
CA TYR A 38 -3.73 -1.34 17.19
C TYR A 38 -4.84 -1.11 16.17
N ARG A 39 -6.07 -1.51 16.53
CA ARG A 39 -7.18 -1.56 15.57
C ARG A 39 -6.77 -2.36 14.31
N ALA A 40 -5.93 -3.36 14.52
CA ALA A 40 -5.29 -4.04 13.41
C ALA A 40 -6.25 -4.87 12.57
N ASN A 41 -7.38 -5.28 13.14
CA ASN A 41 -8.37 -6.05 12.41
CA ASN A 41 -8.40 -6.06 12.46
C ASN A 41 -9.61 -5.23 12.05
N GLU A 42 -9.55 -3.91 12.19
CA GLU A 42 -10.62 -3.06 11.70
C GLU A 42 -10.42 -2.76 10.23
N ARG A 43 -11.53 -2.67 9.51
CA ARG A 43 -11.46 -2.32 8.10
C ARG A 43 -11.31 -0.82 7.89
N PHE A 44 -10.47 -0.47 6.91
CA PHE A 44 -10.25 0.88 6.44
C PHE A 44 -10.30 0.88 4.93
N PRO A 45 -10.73 1.99 4.32
CA PRO A 45 -10.63 2.10 2.86
C PRO A 45 -9.19 1.98 2.40
N LEU A 46 -8.99 1.22 1.32
CA LEU A 46 -7.70 1.12 0.66
C LEU A 46 -7.30 2.39 -0.05
N CYS A 47 -8.26 3.11 -0.60
CA CYS A 47 -7.94 4.21 -1.50
C CYS A 47 -6.99 3.66 -2.58
N SER A 48 -6.06 4.51 -3.05
N SER A 48 -6.06 4.45 -3.15
CA SER A 48 -5.13 4.11 -4.10
CA SER A 48 -5.21 3.84 -4.19
C SER A 48 -4.12 3.09 -3.65
C SER A 48 -4.28 2.77 -3.67
N SER A 49 -4.08 2.70 -2.36
CA SER A 49 -2.99 1.87 -1.86
C SER A 49 -3.04 0.47 -2.45
N PHE A 50 -4.18 0.06 -3.01
CA PHE A 50 -4.26 -1.25 -3.67
C PHE A 50 -3.25 -1.39 -4.81
N LYS A 51 -2.79 -0.28 -5.38
CA LYS A 51 -1.96 -0.33 -6.59
C LYS A 51 -0.63 -1.05 -6.37
N GLY A 52 -0.10 -1.05 -5.13
CA GLY A 52 1.09 -1.83 -4.86
C GLY A 52 0.84 -3.31 -5.06
N PHE A 53 -0.31 -3.77 -4.60
CA PHE A 53 -0.71 -5.17 -4.82
C PHE A 53 -1.06 -5.45 -6.26
N LEU A 54 -1.59 -4.46 -6.98
CA LEU A 54 -1.83 -4.62 -8.43
C LEU A 54 -0.51 -4.88 -9.16
N ALA A 55 0.52 -4.13 -8.84
CA ALA A 55 1.83 -4.35 -9.46
C ALA A 55 2.34 -5.77 -9.15
N ALA A 56 2.14 -6.24 -7.92
CA ALA A 56 2.49 -7.61 -7.56
C ALA A 56 1.71 -8.63 -8.38
N ALA A 57 0.42 -8.38 -8.57
CA ALA A 57 -0.39 -9.29 -9.39
C ALA A 57 0.15 -9.38 -10.82
N VAL A 58 0.55 -8.25 -11.38
CA VAL A 58 1.14 -8.24 -12.72
C VAL A 58 2.41 -9.08 -12.75
N LEU A 59 3.29 -8.91 -11.75
CA LEU A 59 4.52 -9.69 -11.71
C LEU A 59 4.23 -11.18 -11.59
N SER A 60 3.24 -11.54 -10.78
CA SER A 60 2.87 -12.94 -10.66
C SER A 60 2.43 -13.50 -12.00
N LYS A 61 1.63 -12.74 -12.75
CA LYS A 61 1.22 -13.17 -14.09
C LYS A 61 2.42 -13.29 -15.03
N SER A 62 3.38 -12.37 -14.94
CA SER A 62 4.54 -12.42 -15.83
C SER A 62 5.42 -13.63 -15.53
N GLN A 63 5.38 -14.13 -14.30
CA GLN A 63 6.19 -15.29 -13.95
C GLN A 63 5.74 -16.49 -14.74
N GLN A 64 4.49 -16.50 -15.23
CA GLN A 64 3.92 -17.59 -16.02
CA GLN A 64 3.93 -17.60 -16.01
C GLN A 64 3.72 -17.26 -17.49
N GLN A 65 3.96 -16.01 -17.90
CA GLN A 65 3.72 -15.56 -19.27
CA GLN A 65 3.72 -15.56 -19.27
C GLN A 65 4.99 -14.84 -19.71
N GLU A 66 5.89 -15.58 -20.37
CA GLU A 66 7.20 -15.05 -20.71
CA GLU A 66 7.20 -15.05 -20.71
C GLU A 66 7.07 -13.81 -21.59
N GLY A 67 7.77 -12.74 -21.21
CA GLY A 67 7.76 -11.52 -21.98
C GLY A 67 6.63 -10.55 -21.68
N LEU A 68 5.72 -10.89 -20.77
CA LEU A 68 4.58 -10.02 -20.47
C LEU A 68 5.00 -8.59 -20.11
N LEU A 69 6.05 -8.42 -19.31
CA LEU A 69 6.42 -7.08 -18.86
C LEU A 69 6.82 -6.17 -20.02
N ASN A 70 7.29 -6.75 -21.13
CA ASN A 70 7.71 -5.97 -22.28
C ASN A 70 6.59 -5.68 -23.27
N GLN A 71 5.41 -6.24 -23.06
CA GLN A 71 4.30 -6.03 -24.00
C GLN A 71 3.87 -4.56 -23.97
N ARG A 72 3.69 -3.97 -25.14
CA ARG A 72 3.28 -2.57 -25.27
C ARG A 72 1.75 -2.46 -25.37
N ILE A 73 1.20 -1.56 -24.58
CA ILE A 73 -0.22 -1.27 -24.56
C ILE A 73 -0.42 0.15 -25.07
N ARG A 74 -1.29 0.30 -26.06
CA ARG A 74 -1.68 1.59 -26.60
C ARG A 74 -3.14 1.86 -26.26
N TYR A 75 -3.48 3.14 -26.14
CA TYR A 75 -4.77 3.56 -25.61
C TYR A 75 -5.20 4.88 -26.27
N ASP A 76 -4.99 4.97 -27.59
CA ASP A 76 -5.49 6.09 -28.39
C ASP A 76 -6.99 6.31 -28.17
N ASN A 77 -7.36 7.57 -27.98
CA ASN A 77 -8.73 8.03 -27.82
C ASN A 77 -9.41 7.57 -26.53
N HAR A 78 -8.66 6.99 -25.60
CA HAR A 78 -9.22 6.61 -24.33
CA HAR A 78 -9.20 6.59 -24.32
C HAR A 78 -9.37 7.82 -23.44
O HAR A 78 -8.53 8.71 -23.35
CB HAR A 78 -8.34 5.60 -23.59
CB HAR A 78 -8.26 5.60 -23.63
CG HAR A 78 -8.92 5.04 -22.31
CG HAR A 78 -8.79 5.00 -22.33
CD HAR A 78 -7.93 3.99 -21.83
CD HAR A 78 -7.67 4.18 -21.69
NE HAR A 78 -8.04 3.48 -20.48
NE HAR A 78 -8.04 3.28 -20.62
CZ HAR A 78 -7.91 4.27 -19.30
CZ HAR A 78 -8.59 1.97 -20.66
NH1 HAR A 78 -7.95 3.50 -18.06
NH1 HAR A 78 -8.62 1.52 -19.24
NH2 HAR A 78 -7.76 5.54 -19.19
NH2 HAR A 78 -9.01 1.38 -21.74
OH1 HAR A 78 -7.85 4.10 -16.93
OH1 HAR A 78 -8.98 0.42 -18.63
HA HAR A 78 -10.24 6.15 -24.51
HA HAR A 78 -10.22 6.11 -24.49
HB2 HAR A 78 -7.35 6.07 -23.37
HB2 HAR A 78 -7.27 6.10 -23.44
HB3 HAR A 78 -8.14 4.75 -24.30
HB3 HAR A 78 -8.07 4.77 -24.36
HG2 HAR A 78 -9.93 4.58 -22.51
HG2 HAR A 78 -9.68 4.36 -22.54
HG3 HAR A 78 -9.05 5.85 -21.54
HG3 HAR A 78 -9.11 5.82 -21.63
HD2 HAR A 78 -6.89 4.42 -21.99
HD2 HAR A 78 -6.87 4.90 -21.37
HD3 HAR A 78 -8.01 3.09 -22.51
HD3 HAR A 78 -7.22 3.54 -22.50
HE HAR A 78 -8.11 2.49 -20.37
HE HAR A 78 -7.73 3.58 -19.71
HH1 HAR A 78 -8.07 2.48 -18.07
HH1 HAR A 78 -8.21 2.19 -18.59
HO1 HAR A 78 -6.90 4.03 -16.70
N VAL A 79 -10.49 7.88 -22.71
CA VAL A 79 -10.69 8.95 -21.73
C VAL A 79 -9.91 8.58 -20.46
N MET A 80 -8.95 9.40 -20.12
CA MET A 80 -8.04 9.10 -19.02
C MET A 80 -8.58 9.64 -17.71
N GLU A 81 -8.48 8.82 -16.68
CA GLU A 81 -8.94 9.20 -15.35
C GLU A 81 -8.12 10.37 -14.81
N PRO A 82 -8.71 11.19 -13.93
CA PRO A 82 -7.91 12.16 -13.20
C PRO A 82 -6.74 11.50 -12.47
N HIS A 83 -5.70 12.27 -12.21
CA HIS A 83 -4.49 11.83 -11.55
C HIS A 83 -3.83 10.66 -12.30
N SER A 84 -3.50 10.95 -13.57
CA SER A 84 -2.84 10.03 -14.49
C SER A 84 -1.61 10.73 -15.07
N PRO A 85 -0.66 11.14 -14.21
CA PRO A 85 0.42 12.02 -14.70
C PRO A 85 1.37 11.36 -15.69
N VAL A 86 1.54 10.05 -15.65
CA VAL A 86 2.42 9.35 -16.59
C VAL A 86 1.67 8.95 -17.84
N THR A 87 0.52 8.29 -17.68
CA THR A 87 -0.19 7.77 -18.85
C THR A 87 -0.67 8.89 -19.77
N GLU A 88 -1.01 10.06 -19.22
N GLU A 88 -1.02 10.05 -19.22
CA GLU A 88 -1.48 11.14 -20.07
CA GLU A 88 -1.44 11.17 -20.05
C GLU A 88 -0.38 11.72 -20.97
C GLU A 88 -0.38 11.56 -21.07
N LYS A 89 0.88 11.41 -20.70
CA LYS A 89 1.99 11.87 -21.53
CA LYS A 89 1.99 11.87 -21.53
C LYS A 89 2.47 10.83 -22.54
N GLN A 90 1.99 9.59 -22.46
CA GLN A 90 2.50 8.50 -23.27
C GLN A 90 1.45 7.94 -24.22
N ILE A 91 0.47 8.76 -24.63
CA ILE A 91 -0.56 8.24 -25.54
C ILE A 91 0.03 7.91 -26.89
N THR A 92 0.92 8.77 -27.41
CA THR A 92 1.46 8.52 -28.75
C THR A 92 2.41 7.34 -28.76
N THR A 93 3.15 7.13 -27.68
CA THR A 93 4.14 6.05 -27.61
C THR A 93 3.54 4.73 -27.17
N GLY A 94 2.44 4.75 -26.43
CA GLY A 94 2.05 3.59 -25.65
C GLY A 94 2.99 3.42 -24.47
N MET A 95 2.71 2.42 -23.65
CA MET A 95 3.56 2.07 -22.51
C MET A 95 3.63 0.56 -22.37
N THR A 96 4.79 0.06 -21.93
CA THR A 96 4.87 -1.36 -21.67
C THR A 96 4.16 -1.69 -20.36
N VAL A 97 3.88 -2.98 -20.17
CA VAL A 97 3.28 -3.47 -18.92
C VAL A 97 4.14 -3.09 -17.72
N ALA A 98 5.47 -3.24 -17.85
CA ALA A 98 6.36 -2.82 -16.76
C ALA A 98 6.20 -1.33 -16.47
N GLU A 99 6.19 -0.49 -17.51
CA GLU A 99 6.08 0.94 -17.30
C GLU A 99 4.76 1.30 -16.65
N LEU A 100 3.67 0.63 -17.05
CA LEU A 100 2.36 0.87 -16.44
C LEU A 100 2.37 0.49 -14.97
N SER A 101 3.01 -0.63 -14.64
CA SER A 101 3.08 -1.09 -13.26
C SER A 101 3.90 -0.12 -12.41
N ALA A 102 5.04 0.31 -12.93
CA ALA A 102 5.85 1.30 -12.21
C ALA A 102 5.10 2.60 -12.02
N ALA A 103 4.37 3.06 -13.04
CA ALA A 103 3.65 4.31 -12.94
C ALA A 103 2.51 4.21 -11.94
N THR A 104 1.76 3.10 -11.97
CA THR A 104 0.65 2.99 -11.04
C THR A 104 1.13 2.96 -9.61
N LEU A 105 2.23 2.25 -9.34
CA LEU A 105 2.74 2.19 -7.98
C LEU A 105 3.41 3.52 -7.59
N GLN A 106 4.32 4.04 -8.42
CA GLN A 106 5.22 5.09 -7.97
C GLN A 106 4.66 6.49 -8.11
N TYR A 107 3.68 6.68 -9.00
CA TYR A 107 3.03 7.98 -9.18
C TYR A 107 1.54 7.92 -8.87
N SER A 108 1.04 6.76 -8.46
CA SER A 108 -0.40 6.58 -8.23
C SER A 108 -1.19 7.01 -9.46
N ASP A 109 -0.78 6.50 -10.63
CA ASP A 109 -1.44 6.81 -11.89
C ASP A 109 -2.72 5.98 -12.01
N ASN A 110 -3.88 6.65 -11.95
CA ASN A 110 -5.16 5.94 -12.02
C ASN A 110 -5.38 5.33 -13.40
N GLY A 111 -4.99 6.02 -14.46
CA GLY A 111 -5.14 5.47 -15.80
C GLY A 111 -4.38 4.17 -15.95
N ALA A 112 -3.14 4.14 -15.44
CA ALA A 112 -2.37 2.91 -15.49
C ALA A 112 -3.02 1.80 -14.68
N ALA A 113 -3.60 2.13 -13.53
CA ALA A 113 -4.28 1.13 -12.72
C ALA A 113 -5.44 0.50 -13.48
N ASN A 114 -6.30 1.35 -14.04
CA ASN A 114 -7.46 0.80 -14.77
C ASN A 114 -7.04 0.08 -16.04
N LEU A 115 -5.98 0.53 -16.72
CA LEU A 115 -5.48 -0.20 -17.88
C LEU A 115 -5.04 -1.62 -17.49
N LEU A 116 -4.30 -1.74 -16.38
CA LEU A 116 -3.84 -3.06 -15.95
C LEU A 116 -5.01 -3.92 -15.46
N LEU A 117 -5.93 -3.32 -14.70
CA LEU A 117 -7.11 -4.06 -14.25
C LEU A 117 -7.93 -4.55 -15.46
N GLU A 118 -8.12 -3.70 -16.47
CA GLU A 118 -8.95 -4.09 -17.62
C GLU A 118 -8.26 -5.16 -18.44
N LYS A 119 -6.98 -4.96 -18.74
CA LYS A 119 -6.34 -5.71 -19.81
C LYS A 119 -5.58 -6.93 -19.33
N LEU A 120 -5.16 -6.99 -18.06
CA LEU A 120 -4.37 -8.10 -17.53
C LEU A 120 -5.00 -8.80 -16.36
N ILE A 121 -5.49 -8.07 -15.36
CA ILE A 121 -5.76 -8.67 -14.05
C ILE A 121 -7.20 -9.11 -13.87
N GLY A 122 -8.12 -8.64 -14.69
CA GLY A 122 -9.51 -9.09 -14.63
C GLY A 122 -10.39 -8.29 -13.68
N GLY A 123 -10.18 -6.98 -13.64
CA GLY A 123 -11.04 -6.08 -12.91
C GLY A 123 -10.86 -6.20 -11.41
N PRO A 124 -11.70 -5.49 -10.67
CA PRO A 124 -11.69 -5.62 -9.20
C PRO A 124 -11.82 -7.06 -8.74
N GLU A 125 -12.63 -7.86 -9.42
CA GLU A 125 -12.78 -9.27 -9.05
CA GLU A 125 -12.78 -9.26 -9.04
C GLU A 125 -11.46 -10.01 -9.20
N GLY A 126 -10.74 -9.77 -10.30
CA GLY A 126 -9.46 -10.43 -10.51
C GLY A 126 -8.40 -9.96 -9.54
N MET A 127 -8.42 -8.68 -9.19
CA MET A 127 -7.50 -8.20 -8.15
C MET A 127 -7.75 -8.93 -6.83
N THR A 128 -9.02 -9.01 -6.43
CA THR A 128 -9.39 -9.74 -5.22
C THR A 128 -8.95 -11.20 -5.31
N SER A 129 -9.18 -11.85 -6.46
CA SER A 129 -8.77 -13.24 -6.64
CA SER A 129 -8.77 -13.24 -6.66
C SER A 129 -7.27 -13.41 -6.46
N PHE A 130 -6.46 -12.47 -6.95
CA PHE A 130 -5.03 -12.57 -6.72
C PHE A 130 -4.72 -12.57 -5.23
N MET A 131 -5.34 -11.65 -4.47
CA MET A 131 -5.08 -11.59 -3.04
C MET A 131 -5.52 -12.87 -2.34
N ARG A 132 -6.69 -13.44 -2.73
CA ARG A 132 -7.08 -14.73 -2.17
C ARG A 132 -6.03 -15.80 -2.47
N SER A 133 -5.40 -15.74 -3.65
CA SER A 133 -4.45 -16.75 -4.04
C SER A 133 -3.18 -16.73 -3.21
N ILE A 134 -2.88 -15.63 -2.51
CA ILE A 134 -1.74 -15.55 -1.59
C ILE A 134 -2.18 -15.71 -0.14
N GLY A 135 -3.41 -16.13 0.08
CA GLY A 135 -3.93 -16.37 1.41
C GLY A 135 -4.42 -15.16 2.15
N ASP A 136 -4.71 -14.07 1.44
CA ASP A 136 -5.33 -12.90 2.06
C ASP A 136 -6.83 -13.04 1.85
N ASN A 137 -7.53 -13.35 2.94
CA ASN A 137 -8.98 -13.56 2.93
C ASN A 137 -9.74 -12.32 3.37
N VAL A 138 -9.05 -11.21 3.55
CA VAL A 138 -9.61 -9.97 4.09
C VAL A 138 -9.78 -8.91 3.01
N PHE A 139 -8.74 -8.68 2.21
CA PHE A 139 -8.76 -7.69 1.15
C PHE A 139 -9.98 -7.86 0.25
N ARG A 140 -10.60 -6.74 -0.12
CA ARG A 140 -11.57 -6.78 -1.20
C ARG A 140 -11.46 -5.51 -2.02
N LEU A 141 -11.41 -5.70 -3.34
CA LEU A 141 -11.60 -4.62 -4.28
C LEU A 141 -12.90 -4.87 -5.02
N ASP A 142 -13.76 -3.87 -5.03
CA ASP A 142 -15.12 -3.96 -5.56
C ASP A 142 -15.38 -3.06 -6.74
N ARG A 143 -14.69 -1.93 -6.81
CA ARG A 143 -14.92 -0.92 -7.84
C ARG A 143 -13.59 -0.59 -8.52
N TRP A 144 -13.69 0.15 -9.62
CA TRP A 144 -12.55 0.57 -10.40
C TRP A 144 -11.89 1.82 -9.79
N ALA A 145 -10.79 2.26 -10.40
CA ALA A 145 -9.82 3.11 -9.69
C ALA A 145 -10.42 4.37 -9.09
N LEU A 146 -11.27 5.09 -9.82
CA LEU A 146 -11.79 6.33 -9.24
C LEU A 146 -12.87 6.07 -8.21
N GLU A 147 -13.81 5.19 -8.53
CA GLU A 147 -15.02 5.01 -7.73
C GLU A 147 -14.74 4.35 -6.39
N LEU A 148 -13.60 3.68 -6.23
CA LEU A 148 -13.31 2.97 -5.00
C LEU A 148 -12.92 3.88 -3.83
N ASN A 149 -12.89 5.19 -4.01
CA ASN A 149 -12.39 6.13 -3.01
C ASN A 149 -13.48 6.84 -2.19
N SER A 150 -14.73 6.38 -2.23
CA SER A 150 -15.81 7.07 -1.52
C SER A 150 -15.64 7.03 0.00
N ALA A 151 -15.04 5.98 0.54
CA ALA A 151 -14.61 5.93 1.94
C ALA A 151 -15.76 6.16 2.94
N ILE A 152 -16.95 5.67 2.62
CA ILE A 152 -18.11 5.92 3.46
C ILE A 152 -18.02 5.07 4.73
N PRO A 153 -18.15 5.63 5.92
CA PRO A 153 -18.09 4.80 7.12
C PRO A 153 -19.11 3.67 7.06
N GLY A 154 -18.65 2.46 7.41
CA GLY A 154 -19.53 1.30 7.45
C GLY A 154 -19.64 0.55 6.13
N ASP A 155 -19.09 1.10 5.05
CA ASP A 155 -19.13 0.46 3.75
C ASP A 155 -17.87 -0.37 3.60
N ASP A 156 -18.03 -1.68 3.49
CA ASP A 156 -16.88 -2.56 3.43
C ASP A 156 -16.29 -2.69 2.02
N ARG A 157 -16.93 -2.12 1.00
CA ARG A 157 -16.34 -2.17 -0.32
C ARG A 157 -14.95 -1.53 -0.34
N ASP A 158 -14.03 -2.14 -1.06
CA ASP A 158 -12.71 -1.53 -1.29
C ASP A 158 -11.98 -1.26 0.01
N THR A 159 -11.99 -2.24 0.91
CA THR A 159 -11.33 -2.15 2.20
C THR A 159 -10.39 -3.33 2.42
N SER A 160 -9.47 -3.14 3.35
CA SER A 160 -8.75 -4.23 4.00
C SER A 160 -8.49 -3.82 5.44
N THR A 161 -7.66 -4.59 6.14
CA THR A 161 -7.29 -4.24 7.50
C THR A 161 -5.78 -3.99 7.55
N PRO A 162 -5.30 -3.24 8.55
CA PRO A 162 -3.85 -3.04 8.63
C PRO A 162 -3.08 -4.35 8.72
N LYS A 163 -3.61 -5.30 9.49
N LYS A 163 -3.61 -5.31 9.50
CA LYS A 163 -2.95 -6.59 9.62
CA LYS A 163 -2.94 -6.61 9.61
C LYS A 163 -2.87 -7.32 8.28
C LYS A 163 -2.85 -7.30 8.26
N ALA A 164 -3.96 -7.34 7.52
CA ALA A 164 -3.93 -8.04 6.23
C ALA A 164 -3.00 -7.37 5.22
N VAL A 165 -3.00 -6.04 5.20
CA VAL A 165 -2.09 -5.32 4.32
C VAL A 165 -0.64 -5.64 4.65
N ALA A 166 -0.27 -5.57 5.94
CA ALA A 166 1.09 -5.86 6.34
C ALA A 166 1.45 -7.32 6.09
N GLU A 167 0.56 -8.25 6.42
CA GLU A 167 0.84 -9.66 6.19
C GLU A 167 1.02 -9.97 4.71
N SER A 168 0.20 -9.36 3.86
CA SER A 168 0.35 -9.57 2.42
C SER A 168 1.63 -8.94 1.87
N MET A 169 1.98 -7.74 2.34
CA MET A 169 3.25 -7.14 1.96
CA MET A 169 3.25 -7.15 1.94
C MET A 169 4.42 -8.03 2.36
N GLN A 170 4.37 -8.61 3.56
CA GLN A 170 5.46 -9.50 3.98
C GLN A 170 5.57 -10.71 3.05
N LYS A 171 4.43 -11.34 2.73
CA LYS A 171 4.45 -12.50 1.84
C LYS A 171 5.06 -12.15 0.49
N LEU A 172 4.62 -11.04 -0.09
CA LEU A 172 5.08 -10.65 -1.42
C LEU A 172 6.55 -10.26 -1.41
N ALA A 173 7.00 -9.54 -0.38
CA ALA A 173 8.37 -9.05 -0.36
C ALA A 173 9.37 -10.16 -0.06
N PHE A 174 9.04 -11.07 0.86
CA PHE A 174 10.02 -12.00 1.41
C PHE A 174 9.63 -13.47 1.33
N GLY A 175 8.37 -13.79 1.03
CA GLY A 175 7.88 -15.14 0.98
C GLY A 175 8.11 -15.79 -0.37
N ASN A 176 7.38 -16.86 -0.64
CA ASN A 176 7.57 -17.71 -1.81
CA ASN A 176 7.63 -17.62 -1.85
C ASN A 176 6.55 -17.45 -2.91
N VAL A 177 5.56 -16.57 -2.67
CA VAL A 177 4.45 -16.41 -3.60
C VAL A 177 4.90 -15.77 -4.91
N LEU A 178 6.01 -15.01 -4.91
CA LEU A 178 6.70 -14.50 -6.10
C LEU A 178 8.12 -15.06 -6.18
N GLY A 179 8.63 -15.28 -7.41
CA GLY A 179 10.03 -15.68 -7.60
C GLY A 179 11.02 -14.59 -7.27
N LEU A 180 12.33 -14.94 -7.25
CA LEU A 180 13.39 -13.98 -6.90
CA LEU A 180 13.39 -14.01 -6.92
C LEU A 180 13.39 -12.78 -7.82
N THR A 181 13.34 -12.99 -9.13
CA THR A 181 13.33 -11.88 -10.07
C THR A 181 12.16 -10.95 -9.76
N GLU A 182 11.00 -11.54 -9.49
CA GLU A 182 9.78 -10.77 -9.28
C GLU A 182 9.78 -10.03 -7.95
N ARG A 183 10.24 -10.67 -6.87
CA ARG A 183 10.42 -9.98 -5.59
C ARG A 183 11.31 -8.79 -5.74
N HIS A 184 12.47 -8.98 -6.40
CA HIS A 184 13.43 -7.89 -6.54
C HIS A 184 12.80 -6.74 -7.31
N GLN A 185 12.07 -7.04 -8.39
CA GLN A 185 11.43 -6.00 -9.15
C GLN A 185 10.37 -5.27 -8.33
N LEU A 186 9.55 -6.03 -7.59
CA LEU A 186 8.51 -5.40 -6.79
C LEU A 186 9.13 -4.46 -5.77
N MET A 187 10.17 -4.91 -5.07
CA MET A 187 10.83 -4.08 -4.06
CA MET A 187 10.72 -4.04 -4.05
C MET A 187 11.47 -2.86 -4.67
N ASP A 188 12.05 -2.99 -5.87
N ASP A 188 12.10 -3.02 -5.84
CA ASP A 188 12.63 -1.82 -6.50
CA ASP A 188 12.64 -1.86 -6.55
C ASP A 188 11.56 -0.80 -6.85
C ASP A 188 11.54 -0.82 -6.80
N TRP A 189 10.38 -1.27 -7.27
CA TRP A 189 9.28 -0.35 -7.53
C TRP A 189 8.85 0.38 -6.26
N PHE A 190 8.63 -0.38 -5.17
CA PHE A 190 8.23 0.27 -3.91
C PHE A 190 9.27 1.27 -3.43
N LYS A 191 10.57 0.92 -3.54
CA LYS A 191 11.62 1.84 -3.10
CA LYS A 191 11.62 1.85 -3.09
C LYS A 191 11.58 3.16 -3.86
N GLY A 192 11.18 3.14 -5.14
CA GLY A 192 11.12 4.35 -5.94
C GLY A 192 9.81 5.11 -5.87
N ASN A 193 8.91 4.75 -4.96
CA ASN A 193 7.66 5.49 -4.86
C ASN A 193 7.95 6.97 -4.59
N THR A 194 7.14 7.85 -5.20
CA THR A 194 7.36 9.29 -5.11
C THR A 194 6.34 10.05 -4.26
N THR A 195 5.31 9.39 -3.75
CA THR A 195 4.18 10.06 -3.11
C THR A 195 4.19 9.95 -1.59
N GLY A 196 5.21 9.30 -1.01
CA GLY A 196 5.23 8.97 0.41
C GLY A 196 6.15 9.80 1.29
N GLY A 197 6.68 10.91 0.78
CA GLY A 197 7.69 11.66 1.52
C GLY A 197 7.25 12.19 2.88
N ALA A 198 5.96 12.44 3.06
CA ALA A 198 5.43 13.02 4.29
C ALA A 198 4.82 12.00 5.23
N ARG A 199 4.94 10.70 4.93
CA ARG A 199 4.25 9.65 5.67
C ARG A 199 5.27 8.75 6.35
N ILE A 200 5.28 7.45 6.07
CA ILE A 200 6.23 6.56 6.75
C ILE A 200 7.67 7.03 6.56
N ARG A 201 8.04 7.47 5.36
CA ARG A 201 9.39 7.95 5.12
C ARG A 201 9.77 9.09 6.06
N ALA A 202 8.82 9.94 6.45
CA ALA A 202 9.08 11.07 7.34
C ALA A 202 9.27 10.65 8.79
N SER A 203 9.10 9.37 9.10
CA SER A 203 9.19 8.87 10.46
C SER A 203 10.51 8.19 10.78
N VAL A 204 11.36 7.96 9.80
CA VAL A 204 12.57 7.16 10.02
C VAL A 204 13.79 8.00 9.71
N PRO A 205 14.94 7.64 10.30
CA PRO A 205 16.18 8.30 9.99
C PRO A 205 16.48 8.24 8.49
N ALA A 206 17.22 9.24 8.03
CA ALA A 206 17.39 9.43 6.60
C ALA A 206 18.26 8.36 5.96
N ASN A 207 19.00 7.59 6.75
CA ASN A 207 19.83 6.51 6.22
C ASN A 207 19.14 5.15 6.24
N TRP A 208 17.89 5.10 6.66
CA TRP A 208 17.12 3.88 6.46
C TRP A 208 16.52 3.90 5.06
N VAL A 209 16.31 2.73 4.49
CA VAL A 209 15.69 2.59 3.18
C VAL A 209 14.25 2.20 3.36
N VAL A 210 13.36 2.78 2.55
CA VAL A 210 11.93 2.52 2.62
C VAL A 210 11.40 2.26 1.22
N GLY A 211 10.48 1.30 1.13
CA GLY A 211 9.62 1.16 -0.04
C GLY A 211 8.19 1.22 0.45
N ASP A 212 7.34 1.97 -0.25
CA ASP A 212 5.99 2.21 0.27
C ASP A 212 4.98 2.44 -0.84
N LYS A 213 3.70 2.35 -0.47
CA LYS A 213 2.61 2.83 -1.31
C LYS A 213 1.59 3.52 -0.42
N THR A 214 1.19 4.71 -0.85
CA THR A 214 0.21 5.57 -0.20
C THR A 214 -1.19 5.40 -0.77
N GLY A 215 -2.16 5.91 -0.01
CA GLY A 215 -3.53 6.12 -0.47
C GLY A 215 -4.11 7.38 0.14
N THR A 216 -4.84 8.16 -0.63
CA THR A 216 -5.46 9.41 -0.18
C THR A 216 -6.83 9.48 -0.87
N CYS A 217 -7.89 9.07 -0.17
CA CYS A 217 -9.22 8.99 -0.78
C CYS A 217 -9.76 10.36 -1.16
N GLY A 218 -9.40 11.42 -0.43
CA GLY A 218 -9.86 12.78 -0.66
C GLY A 218 -11.12 13.18 0.06
N VAL A 219 -11.66 12.30 0.89
CA VAL A 219 -12.88 12.51 1.67
C VAL A 219 -12.73 11.78 3.00
N TYR A 220 -13.53 12.17 3.99
CA TYR A 220 -13.59 11.49 5.28
C TYR A 220 -12.22 11.41 5.94
N GLY A 221 -11.38 12.41 5.74
CA GLY A 221 -10.04 12.42 6.29
C GLY A 221 -9.28 11.11 6.13
N THR A 222 -9.51 10.38 5.04
CA THR A 222 -9.06 8.99 4.92
C THR A 222 -7.78 8.93 4.08
N ALA A 223 -6.72 8.38 4.67
CA ALA A 223 -5.42 8.29 4.00
C ALA A 223 -4.60 7.21 4.71
N ASN A 224 -3.57 6.70 4.00
CA ASN A 224 -2.84 5.56 4.50
C ASN A 224 -1.48 5.45 3.82
N ASP A 225 -0.66 4.53 4.35
CA ASP A 225 0.63 4.19 3.77
C ASP A 225 1.00 2.82 4.32
N TYR A 226 1.62 1.98 3.48
CA TYR A 226 2.25 0.76 3.97
C TYR A 226 3.61 0.62 3.33
N ALA A 227 4.49 -0.10 4.01
CA ALA A 227 5.90 -0.05 3.65
C ALA A 227 6.67 -1.27 4.13
N VAL A 228 7.80 -1.47 3.46
CA VAL A 228 8.93 -2.23 4.00
C VAL A 228 10.00 -1.22 4.35
N ILE A 229 10.56 -1.36 5.54
CA ILE A 229 11.56 -0.45 6.09
C ILE A 229 12.79 -1.29 6.40
N TRP A 230 13.95 -0.86 5.91
CA TRP A 230 15.22 -1.51 6.16
C TRP A 230 16.01 -0.61 7.10
N PRO A 231 16.04 -0.87 8.40
CA PRO A 231 16.91 -0.10 9.30
C PRO A 231 18.35 -0.53 9.07
N VAL A 232 19.26 0.24 9.62
CA VAL A 232 20.69 -0.10 9.51
C VAL A 232 20.97 -1.41 10.24
N ALA A 233 21.48 -2.42 9.50
CA ALA A 233 21.96 -3.70 10.06
C ALA A 233 20.89 -4.46 10.85
N HIS A 234 19.63 -4.29 10.51
CA HIS A 234 18.52 -4.91 11.21
CA HIS A 234 18.57 -5.00 11.21
C HIS A 234 17.59 -5.52 10.18
N ALA A 235 16.87 -6.57 10.58
CA ALA A 235 15.94 -7.19 9.67
C ALA A 235 14.89 -6.15 9.25
N PRO A 236 14.38 -6.27 8.04
CA PRO A 236 13.32 -5.36 7.62
C PRO A 236 12.07 -5.47 8.49
N ILE A 237 11.39 -4.35 8.59
CA ILE A 237 10.11 -4.20 9.29
CA ILE A 237 10.12 -4.24 9.28
C ILE A 237 9.05 -3.92 8.24
N VAL A 238 7.92 -4.61 8.33
CA VAL A 238 6.77 -4.32 7.47
C VAL A 238 5.76 -3.56 8.32
N LEU A 239 5.23 -2.46 7.79
CA LEU A 239 4.34 -1.59 8.55
C LEU A 239 3.17 -1.11 7.68
N ALA A 240 1.96 -1.16 8.22
CA ALA A 240 0.78 -0.58 7.59
C ALA A 240 0.15 0.42 8.55
N VAL A 241 -0.17 1.61 8.05
CA VAL A 241 -0.84 2.66 8.83
C VAL A 241 -2.02 3.17 8.01
N TYR A 242 -3.23 3.00 8.53
CA TYR A 242 -4.47 3.41 7.89
C TYR A 242 -5.22 4.34 8.82
N THR A 243 -5.84 5.39 8.27
CA THR A 243 -6.56 6.39 9.04
C THR A 243 -7.89 6.74 8.38
N SER A 244 -8.81 7.23 9.22
CA SER A 244 -10.06 7.80 8.75
C SER A 244 -10.58 8.76 9.80
N LYS A 245 -11.53 9.62 9.39
CA LYS A 245 -12.21 10.51 10.30
CA LYS A 245 -12.21 10.55 10.27
C LYS A 245 -13.72 10.42 10.06
N PRO A 246 -14.53 10.74 11.09
CA PRO A 246 -15.98 10.58 10.92
C PRO A 246 -16.61 11.59 9.99
N ASP A 247 -16.02 12.78 9.82
CA ASP A 247 -16.64 13.85 9.05
C ASP A 247 -16.23 13.77 7.58
N ARG A 248 -17.24 13.69 6.73
CA ARG A 248 -17.05 13.70 5.27
C ARG A 248 -16.11 14.81 4.81
N ASN A 249 -16.22 15.99 5.44
CA ASN A 249 -15.57 17.20 4.97
C ASN A 249 -14.22 17.44 5.62
N SER A 250 -13.74 16.52 6.42
N SER A 250 -13.70 16.47 6.36
CA SER A 250 -12.44 16.72 7.05
CA SER A 250 -12.43 16.59 7.07
C SER A 250 -11.34 16.35 6.07
C SER A 250 -11.25 16.18 6.19
N LYS A 251 -10.19 16.96 6.28
CA LYS A 251 -8.96 16.65 5.57
C LYS A 251 -8.19 15.56 6.29
N HIS A 252 -7.45 14.78 5.51
CA HIS A 252 -6.51 13.80 6.06
C HIS A 252 -5.32 14.53 6.68
N SER A 253 -4.47 13.78 7.36
CA SER A 253 -3.26 14.33 7.97
C SER A 253 -2.05 13.44 7.65
N ASP A 254 -1.13 13.94 6.84
CA ASP A 254 0.15 13.27 6.61
C ASP A 254 0.92 13.15 7.93
N ALA A 255 0.92 14.21 8.73
CA ALA A 255 1.71 14.23 9.97
C ALA A 255 1.25 13.16 10.94
N VAL A 256 -0.06 12.92 11.04
CA VAL A 256 -0.55 11.88 11.95
C VAL A 256 -0.07 10.51 11.49
N ILE A 257 -0.01 10.26 10.18
CA ILE A 257 0.49 9.00 9.68
C ILE A 257 1.97 8.85 10.03
N ALA A 258 2.75 9.92 9.81
CA ALA A 258 4.16 9.89 10.17
C ALA A 258 4.35 9.67 11.67
N ASP A 259 3.56 10.35 12.49
CA ASP A 259 3.71 10.23 13.94
C ASP A 259 3.31 8.85 14.43
N ALA A 260 2.25 8.27 13.87
CA ALA A 260 1.86 6.90 14.23
C ALA A 260 2.97 5.91 13.85
N SER A 261 3.52 6.08 12.65
CA SER A 261 4.63 5.23 12.21
CA SER A 261 4.62 5.23 12.22
C SER A 261 5.80 5.33 13.18
N ARG A 262 6.16 6.54 13.57
CA ARG A 262 7.27 6.73 14.50
C ARG A 262 7.02 6.01 15.82
N ILE A 263 5.81 6.17 16.37
CA ILE A 263 5.46 5.49 17.62
C ILE A 263 5.63 3.98 17.49
N VAL A 264 5.10 3.42 16.42
CA VAL A 264 5.16 1.96 16.25
C VAL A 264 6.61 1.49 16.06
N LEU A 265 7.37 2.16 15.19
CA LEU A 265 8.73 1.73 14.94
C LEU A 265 9.59 1.88 16.18
N GLU A 266 9.42 2.96 16.94
CA GLU A 266 10.20 3.13 18.17
C GLU A 266 9.92 2.02 19.16
N SER A 267 8.74 1.41 19.10
CA SER A 267 8.38 0.38 20.07
C SER A 267 9.21 -0.89 19.93
N PHE A 268 9.82 -1.13 18.76
CA PHE A 268 10.67 -2.29 18.57
C PHE A 268 12.08 -2.09 19.14
N ASN A 269 12.40 -0.85 19.56
CA ASN A 269 13.69 -0.52 20.19
CA ASN A 269 13.69 -0.55 20.19
C ASN A 269 14.85 -1.05 19.35
C ASN A 269 14.85 -1.06 19.35
N ILE A 270 14.81 -0.73 18.07
CA ILE A 270 15.81 -1.18 17.10
C ILE A 270 17.20 -0.69 17.50
C1 EDO B . 6.98 -4.02 19.55
O1 EDO B . 5.79 -3.25 19.51
C2 EDO B . 6.67 -5.51 19.61
O2 EDO B . 5.98 -5.79 20.83
H11 EDO B . 7.59 -3.81 18.66
H12 EDO B . 7.57 -3.74 20.43
HO1 EDO B . 6.00 -2.31 19.47
H21 EDO B . 6.04 -5.79 18.76
H22 EDO B . 7.60 -6.09 19.57
HO2 EDO B . 5.78 -6.74 20.87
C1 EDO C . -4.91 -11.79 6.05
O1 EDO C . -3.49 -11.60 6.12
C2 EDO C . -5.13 -13.28 6.01
O2 EDO C . -6.49 -13.47 5.62
H11 EDO C . -5.31 -11.33 5.15
H12 EDO C . -5.40 -11.35 6.93
HO1 EDO C . -3.29 -10.65 6.15
H21 EDO C . -4.95 -13.72 6.99
H22 EDO C . -4.45 -13.75 5.29
HO2 EDO C . -6.68 -14.42 5.58
C1 EDO D . 7.16 4.83 -23.49
O1 EDO D . 7.20 3.41 -23.63
C2 EDO D . 8.50 5.41 -23.08
O2 EDO D . 8.82 5.05 -21.73
H11 EDO D . 6.84 5.28 -24.43
H12 EDO D . 6.41 5.09 -22.72
HO1 EDO D . 6.33 3.08 -23.88
H21 EDO D . 8.47 6.51 -23.17
H22 EDO D . 9.28 5.04 -23.75
HO2 EDO D . 9.68 5.43 -21.49
C1 EDO E . -8.58 -4.73 16.98
O1 EDO E . -8.87 -4.59 15.60
C2 EDO E . -8.04 -6.13 17.23
O2 EDO E . -6.88 -6.39 16.44
H11 EDO E . -9.47 -4.57 17.57
H12 EDO E . -7.82 -3.99 17.27
HO1 EDO E . -9.21 -3.70 15.43
H21 EDO E . -8.81 -6.85 17.01
H22 EDO E . -7.78 -6.22 18.29
HO2 EDO E . -6.56 -7.28 16.63
C1 MER F . -6.22 7.86 -3.72
C1 MER F . -5.46 7.44 -4.41
C2 MER F . -3.08 10.62 -4.01
C2 MER F . -3.09 10.70 -4.31
C3 MER F . -5.81 9.00 -4.77
C3 MER F . -5.55 8.74 -5.25
C4 MER F . -4.47 9.21 -5.30
C4 MER F . -4.20 9.11 -5.67
C5 MER F . -2.47 9.27 -4.06
C5 MER F . -2.79 9.34 -3.84
O6 MER F . -5.46 7.19 -3.11
O6 MER F . -5.58 7.30 -3.25
C7 MER F . -6.77 8.81 -5.99
C7 MER F . -6.45 8.43 -6.48
O8 MER F . -6.39 9.65 -7.04
O8 MER F . -6.61 9.51 -7.34
C9 MER F . -8.16 9.18 -5.51
C9 MER F . -7.80 7.92 -6.04
N10 MER F . -3.34 8.41 -4.65
N10 MER F . -3.14 8.48 -4.80
C11 MER F . -1.55 8.66 -3.03
C11 MER F . -1.71 8.95 -2.88
O12 MER F . -1.04 7.56 -3.36
O12 MER F . -0.94 8.04 -3.28
O13 MER F . -1.32 9.17 -1.90
O13 MER F . -1.64 9.48 -1.74
S14 MER F . -2.31 12.02 -3.11
S14 MER F . -2.79 12.13 -3.29
C15 MER F . -1.26 12.96 -4.33
C15 MER F . -1.68 13.12 -4.44
C16 MER F . -1.00 14.18 -3.90
C16 MER F . -1.39 14.32 -3.97
C17 MER F . 0.56 14.32 -3.81
C17 MER F . 0.17 14.41 -3.81
C18 MER F . -3.92 10.73 -5.11
C18 MER F . -3.81 10.67 -5.51
N19 MER F . 1.04 12.86 -3.75
N19 MER F . 0.59 12.93 -3.83
C20 MER F . -5.05 11.79 -4.92
C20 MER F . -5.03 11.64 -5.54
C21 MER F . 0.18 12.17 -4.46
C21 MER F . -0.27 12.31 -4.63
C22 MER F . 1.00 15.02 -2.65
C22 MER F . 0.60 15.00 -2.57
N23 MER F . 0.85 16.45 -2.57
N23 MER F . 0.62 16.43 -2.43
O24 MER F . 1.52 14.47 -1.74
O24 MER F . 0.95 14.34 -1.64
C25 MER F . 0.25 17.21 -3.65
C25 MER F . 0.21 17.27 -3.55
C26 MER F . 1.33 17.16 -1.38
C26 MER F . 1.05 17.03 -1.19
H1 MER F . -7.13 7.71 -3.57
H1 MER F . -5.30 6.67 -4.90
H3 MER F . -6.06 9.84 -4.35
H3 MER F . -5.93 9.46 -4.72
H4 MER F . -4.48 9.01 -6.25
H4 MER F . -4.06 8.85 -6.60
H7 MER F . -6.76 7.89 -6.28
H7 MER F . -6.02 7.71 -6.99
HO8 MER F . -5.82 9.25 -7.53
HO8 MER F . -7.37 9.85 -7.22
H9 MER F . -8.52 8.44 -4.97
H9 MER F . -8.07 8.37 -5.23
H9A MER F . -8.12 9.98 -4.97
H9A MER F . -7.76 6.96 -5.88
H9B MER F . -8.74 9.32 -6.27
H9B MER F . -8.46 8.10 -6.74
H15 MER F . -1.70 13.00 -5.20
H15 MER F . -2.11 13.21 -5.30
H16 MER F . -1.36 14.83 -4.53
H16 MER F . -1.69 15.01 -4.59
H16A MER F . -1.40 14.30 -3.02
H16A MER F . -1.82 14.45 -3.10
H17 MER F . 0.89 14.74 -4.62
H17 MER F . 0.56 14.87 -4.56
H18 MER F . -3.39 10.97 -5.88
H18 MER F . -3.21 10.91 -6.23
H20 MER F . -5.79 11.58 -5.51
H20 MER F . -5.54 11.49 -6.35
H20A MER F . -5.36 11.78 -4.00
H20A MER F . -5.59 11.48 -4.77
H20B MER F . -4.70 12.67 -5.14
H20B MER F . -4.71 12.56 -5.52
H21 MER F . 0.09 11.26 -4.11
H21 MER F . -0.37 11.38 -4.37
H21A MER F . 0.45 12.14 -5.39
H21A MER F . 0.03 12.37 -5.56
H25 MER F . -0.07 18.07 -3.31
H25 MER F . -0.03 18.15 -3.22
H25A MER F . 0.91 17.36 -4.35
H25A MER F . 0.94 17.36 -4.17
H25B MER F . -0.50 16.71 -4.01
H25B MER F . -0.55 16.87 -4.00
H26 MER F . 0.64 17.15 -0.70
H26 MER F . 0.31 17.09 -0.57
H26A MER F . 2.12 16.72 -1.04
H26A MER F . 1.76 16.49 -0.79
H26B MER F . 1.54 18.08 -1.61
H26B MER F . 1.40 17.92 -1.36
#